data_1IIR
#
_entry.id   1IIR
#
_cell.length_a   102.110
_cell.length_b   102.110
_cell.length_c   83.350
_cell.angle_alpha   90.00
_cell.angle_beta   90.00
_cell.angle_gamma   90.00
#
_symmetry.space_group_name_H-M   'P 41 21 2'
#
loop_
_entity.id
_entity.type
_entity.pdbx_description
1 polymer 'glycosyltransferase GtfB'
2 non-polymer 'SULFATE ION'
3 non-polymer 'MAGNESIUM ION'
4 water water
#
_entity_poly.entity_id   1
_entity_poly.type   'polypeptide(L)'
_entity_poly.pdbx_seq_one_letter_code
;MRVLLATCGSRGDTEPLVALAVRVRDLGADVRMCAPPDCAERLAEVGVPHVPVGPSARAPIQRAKPLTAEDVRRFTTEAI
ATQFDEIPAAAEGCAAVVTTGLLAAAIGVRSVAEKLGIPYFYAFHCPSYVPSPYYPPPPLGEPSTQDTIDIPAQWERNNQ
SAYQRYGGLLNSHRDAIGLPPVEDIFTFGYTDHPWVAADPVLAPLQPTDLDAVQTGAWILPDERPLSPELAAFLDAGPPP
VYLGFGSLGAPADAVRVAIDAIRAHGRRVILSRGWADLVLPDDGADCFAIGEVNHQVLFGRVAAVIHHGGAGTTHVAARA
GAPQILLPQMADQPYYAGRVAELGVGVAHDGPIPTFDSLSAALATALTPETHARATAVAGTIRTDGAAVAARLLLDAVSR
EKPTVSALEHHHHHH
;
_entity_poly.pdbx_strand_id   A
#
# COMPACT_ATOMS: atom_id res chain seq x y z
N MET A 1 23.37 -16.15 -2.66
CA MET A 1 22.22 -15.76 -3.54
C MET A 1 21.70 -14.40 -3.07
N ARG A 2 21.60 -13.45 -3.99
CA ARG A 2 21.12 -12.11 -3.67
C ARG A 2 19.83 -11.78 -4.42
N VAL A 3 18.88 -11.19 -3.70
CA VAL A 3 17.60 -10.81 -4.28
C VAL A 3 17.52 -9.29 -4.39
N LEU A 4 17.04 -8.81 -5.54
CA LEU A 4 16.89 -7.37 -5.74
C LEU A 4 15.44 -7.01 -5.54
N LEU A 5 15.20 -5.96 -4.77
CA LEU A 5 13.85 -5.48 -4.53
C LEU A 5 13.81 -4.10 -5.19
N ALA A 6 12.85 -3.90 -6.09
CA ALA A 6 12.75 -2.64 -6.81
C ALA A 6 11.47 -1.89 -6.48
N THR A 7 11.60 -0.61 -6.14
CA THR A 7 10.43 0.18 -5.80
C THR A 7 10.49 1.61 -6.30
N CYS A 8 9.32 2.14 -6.70
CA CYS A 8 9.18 3.50 -7.21
C CYS A 8 9.38 4.58 -6.14
N GLY A 9 9.16 4.24 -4.87
CA GLY A 9 9.37 5.23 -3.83
C GLY A 9 8.30 5.46 -2.78
N SER A 10 7.04 5.36 -3.15
CA SER A 10 5.94 5.58 -2.21
C SER A 10 6.11 4.72 -0.96
N ARG A 11 5.76 5.27 0.20
CA ARG A 11 5.86 4.53 1.45
C ARG A 11 4.96 3.30 1.38
N GLY A 12 3.87 3.42 0.63
CA GLY A 12 2.94 2.31 0.48
C GLY A 12 3.57 1.13 -0.24
N ASP A 13 4.54 1.44 -1.09
CA ASP A 13 5.24 0.40 -1.84
C ASP A 13 6.57 0.05 -1.18
N THR A 14 7.23 1.05 -0.62
CA THR A 14 8.53 0.84 0.01
C THR A 14 8.52 -0.04 1.26
N GLU A 15 7.68 0.25 2.23
CA GLU A 15 7.65 -0.55 3.45
C GLU A 15 7.38 -2.03 3.25
N PRO A 16 6.41 -2.39 2.39
CA PRO A 16 6.17 -3.82 2.19
C PRO A 16 7.39 -4.53 1.63
N LEU A 17 8.12 -3.85 0.73
CA LEU A 17 9.30 -4.47 0.15
C LEU A 17 10.42 -4.51 1.17
N VAL A 18 10.43 -3.55 2.10
CA VAL A 18 11.45 -3.58 3.14
C VAL A 18 11.17 -4.79 4.01
N ALA A 19 9.90 -5.05 4.28
CA ALA A 19 9.52 -6.20 5.10
C ALA A 19 9.98 -7.50 4.44
N LEU A 20 9.74 -7.61 3.13
CA LEU A 20 10.16 -8.80 2.39
C LEU A 20 11.68 -8.93 2.43
N ALA A 21 12.38 -7.81 2.25
CA ALA A 21 13.84 -7.81 2.26
C ALA A 21 14.36 -8.43 3.56
N VAL A 22 13.85 -7.95 4.68
CA VAL A 22 14.27 -8.46 5.99
C VAL A 22 13.98 -9.96 6.15
N ARG A 23 12.80 -10.41 5.71
CA ARG A 23 12.45 -11.82 5.84
C ARG A 23 13.27 -12.71 4.91
N VAL A 24 13.66 -12.17 3.76
CA VAL A 24 14.47 -12.93 2.81
C VAL A 24 15.86 -13.07 3.43
N ARG A 25 16.32 -12.00 4.06
CA ARG A 25 17.63 -12.01 4.70
C ARG A 25 17.60 -12.95 5.92
N ASP A 26 16.45 -13.04 6.58
CA ASP A 26 16.31 -13.93 7.73
C ASP A 26 16.54 -15.37 7.31
N LEU A 27 16.32 -15.66 6.03
CA LEU A 27 16.47 -17.01 5.52
C LEU A 27 17.87 -17.32 5.02
N GLY A 28 18.78 -16.36 5.17
CA GLY A 28 20.15 -16.59 4.75
C GLY A 28 20.57 -16.00 3.41
N ALA A 29 19.63 -15.39 2.70
CA ALA A 29 19.95 -14.81 1.40
C ALA A 29 20.37 -13.36 1.56
N ASP A 30 21.03 -12.82 0.53
CA ASP A 30 21.47 -11.43 0.54
C ASP A 30 20.38 -10.59 -0.12
N VAL A 31 20.30 -9.32 0.24
CA VAL A 31 19.28 -8.44 -0.33
C VAL A 31 19.85 -7.08 -0.71
N ARG A 32 19.20 -6.44 -1.66
CA ARG A 32 19.61 -5.13 -2.13
C ARG A 32 18.35 -4.45 -2.61
N MET A 33 18.15 -3.19 -2.24
CA MET A 33 16.96 -2.52 -2.68
C MET A 33 17.20 -1.22 -3.40
N CYS A 34 16.53 -1.08 -4.54
CA CYS A 34 16.62 0.12 -5.36
C CYS A 34 15.41 0.98 -5.04
N ALA A 35 15.65 2.21 -4.59
CA ALA A 35 14.56 3.11 -4.26
C ALA A 35 15.04 4.55 -4.26
N PRO A 36 14.10 5.51 -4.20
CA PRO A 36 14.45 6.92 -4.19
C PRO A 36 15.46 7.23 -3.08
N PRO A 37 16.30 8.26 -3.28
CA PRO A 37 17.31 8.66 -2.29
C PRO A 37 16.75 8.88 -0.89
N ASP A 38 15.50 9.31 -0.81
CA ASP A 38 14.85 9.58 0.46
C ASP A 38 14.55 8.34 1.31
N CYS A 39 14.77 7.16 0.74
CA CYS A 39 14.52 5.92 1.46
C CYS A 39 15.79 5.45 2.16
N ALA A 40 16.87 6.20 1.97
CA ALA A 40 18.16 5.88 2.56
C ALA A 40 18.07 5.65 4.08
N GLU A 41 17.39 6.57 4.77
CA GLU A 41 17.24 6.49 6.22
C GLU A 41 16.57 5.20 6.67
N ARG A 42 15.39 4.93 6.12
CA ARG A 42 14.64 3.73 6.48
C ARG A 42 15.46 2.46 6.19
N LEU A 43 16.10 2.42 5.02
CA LEU A 43 16.89 1.26 4.66
C LEU A 43 18.11 1.09 5.56
N ALA A 44 18.61 2.21 6.08
CA ALA A 44 19.76 2.17 6.98
C ALA A 44 19.32 1.55 8.30
N GLU A 45 18.08 1.86 8.70
CA GLU A 45 17.52 1.32 9.94
C GLU A 45 17.56 -0.20 9.96
N VAL A 46 17.18 -0.82 8.85
CA VAL A 46 17.17 -2.27 8.76
C VAL A 46 18.44 -2.84 8.15
N GLY A 47 19.40 -1.97 7.87
CA GLY A 47 20.65 -2.42 7.29
C GLY A 47 20.52 -3.11 5.94
N VAL A 48 19.64 -2.59 5.10
CA VAL A 48 19.44 -3.17 3.77
C VAL A 48 20.16 -2.32 2.74
N PRO A 49 21.10 -2.91 1.97
CA PRO A 49 21.83 -2.17 0.95
C PRO A 49 20.88 -1.37 0.06
N HIS A 50 21.19 -0.10 -0.13
CA HIS A 50 20.34 0.79 -0.92
C HIS A 50 21.00 1.32 -2.20
N VAL A 51 20.30 1.16 -3.32
CA VAL A 51 20.78 1.67 -4.61
C VAL A 51 19.82 2.81 -4.95
N PRO A 52 20.25 4.06 -4.71
CA PRO A 52 19.40 5.23 -5.00
C PRO A 52 19.06 5.33 -6.49
N VAL A 53 17.77 5.30 -6.79
CA VAL A 53 17.32 5.38 -8.17
C VAL A 53 16.01 6.15 -8.30
N GLY A 54 15.84 6.81 -9.44
CA GLY A 54 14.63 7.58 -9.69
C GLY A 54 14.41 8.74 -8.74
N PRO A 55 13.49 9.66 -9.07
CA PRO A 55 13.18 10.83 -8.23
C PRO A 55 12.87 10.44 -6.78
N ARG A 63 3.54 21.17 -9.91
CA ARG A 63 4.44 22.06 -9.17
C ARG A 63 3.80 23.44 -9.00
N ALA A 64 4.28 24.41 -9.78
CA ALA A 64 3.75 25.76 -9.71
C ALA A 64 2.79 26.00 -10.88
N LYS A 65 2.64 24.99 -11.72
CA LYS A 65 1.75 25.10 -12.87
C LYS A 65 0.90 23.86 -13.04
N PRO A 66 -0.24 24.00 -13.74
CA PRO A 66 -1.11 22.84 -13.95
C PRO A 66 -0.41 21.76 -14.75
N LEU A 67 -0.95 20.55 -14.68
CA LEU A 67 -0.42 19.42 -15.43
C LEU A 67 -1.17 19.32 -16.75
N THR A 68 -0.46 18.90 -17.80
CA THR A 68 -1.09 18.73 -19.11
C THR A 68 -0.78 17.31 -19.58
N ALA A 69 -1.39 16.90 -20.68
CA ALA A 69 -1.13 15.56 -21.21
C ALA A 69 0.35 15.40 -21.51
N GLU A 70 1.00 16.48 -21.90
CA GLU A 70 2.43 16.45 -22.23
C GLU A 70 3.23 16.05 -21.01
N ASP A 71 2.87 16.62 -19.86
CA ASP A 71 3.53 16.32 -18.60
C ASP A 71 3.35 14.85 -18.23
N VAL A 72 2.12 14.38 -18.34
CA VAL A 72 1.82 13.00 -18.01
C VAL A 72 2.62 12.04 -18.87
N ARG A 73 2.71 12.32 -20.16
CA ARG A 73 3.45 11.46 -21.06
C ARG A 73 4.94 11.46 -20.67
N ARG A 74 5.43 12.60 -20.20
CA ARG A 74 6.84 12.69 -19.81
C ARG A 74 7.13 11.85 -18.57
N PHE A 75 6.23 11.89 -17.59
CA PHE A 75 6.41 11.11 -16.38
C PHE A 75 6.42 9.63 -16.75
N THR A 76 5.60 9.27 -17.73
CA THR A 76 5.53 7.89 -18.18
C THR A 76 6.80 7.46 -18.89
N THR A 77 7.24 8.27 -19.85
CA THR A 77 8.45 7.98 -20.61
C THR A 77 9.65 7.82 -19.70
N GLU A 78 9.78 8.73 -18.75
CA GLU A 78 10.92 8.70 -17.84
C GLU A 78 10.80 7.60 -16.78
N ALA A 79 9.58 7.17 -16.49
CA ALA A 79 9.38 6.10 -15.51
C ALA A 79 9.91 4.79 -16.11
N ILE A 80 9.64 4.60 -17.39
CA ILE A 80 10.11 3.40 -18.08
C ILE A 80 11.61 3.47 -18.32
N ALA A 81 12.08 4.63 -18.80
CA ALA A 81 13.50 4.78 -19.09
C ALA A 81 14.37 4.57 -17.86
N THR A 82 13.90 5.04 -16.71
CA THR A 82 14.65 4.89 -15.47
C THR A 82 14.99 3.44 -15.17
N GLN A 83 14.06 2.54 -15.45
CA GLN A 83 14.30 1.13 -15.18
C GLN A 83 15.40 0.59 -16.07
N PHE A 84 15.30 0.85 -17.36
CA PHE A 84 16.29 0.36 -18.31
C PHE A 84 17.67 0.98 -18.05
N ASP A 85 17.69 2.23 -17.60
CA ASP A 85 18.96 2.89 -17.36
C ASP A 85 19.64 2.53 -16.05
N GLU A 86 18.86 2.20 -15.01
CA GLU A 86 19.46 1.94 -13.71
C GLU A 86 19.33 0.55 -13.09
N ILE A 87 18.34 -0.24 -13.51
CA ILE A 87 18.18 -1.57 -12.95
C ILE A 87 19.33 -2.53 -13.29
N PRO A 88 19.88 -2.43 -14.51
CA PRO A 88 20.99 -3.34 -14.87
C PRO A 88 22.13 -3.36 -13.86
N ALA A 89 22.58 -2.19 -13.44
CA ALA A 89 23.68 -2.11 -12.48
C ALA A 89 23.23 -2.58 -11.11
N ALA A 90 22.00 -2.23 -10.74
CA ALA A 90 21.45 -2.63 -9.44
C ALA A 90 21.24 -4.13 -9.34
N ALA A 91 20.98 -4.77 -10.48
CA ALA A 91 20.74 -6.21 -10.52
C ALA A 91 22.01 -7.05 -10.66
N GLU A 92 23.16 -6.38 -10.70
CA GLU A 92 24.43 -7.08 -10.83
C GLU A 92 24.65 -8.00 -9.64
N GLY A 93 24.89 -9.27 -9.92
CA GLY A 93 25.11 -10.24 -8.86
C GLY A 93 23.85 -10.72 -8.17
N CYS A 94 22.69 -10.46 -8.76
CA CYS A 94 21.42 -10.87 -8.18
C CYS A 94 20.81 -12.05 -8.92
N ALA A 95 20.13 -12.92 -8.18
CA ALA A 95 19.51 -14.10 -8.75
C ALA A 95 18.03 -13.95 -9.02
N ALA A 96 17.45 -12.83 -8.59
CA ALA A 96 16.03 -12.58 -8.79
C ALA A 96 15.69 -11.14 -8.49
N VAL A 97 14.52 -10.72 -8.96
CA VAL A 97 14.06 -9.36 -8.72
C VAL A 97 12.56 -9.39 -8.43
N VAL A 98 12.15 -8.65 -7.40
CA VAL A 98 10.74 -8.58 -7.02
C VAL A 98 10.32 -7.12 -7.00
N THR A 99 9.13 -6.83 -7.49
CA THR A 99 8.65 -5.46 -7.48
C THR A 99 7.14 -5.40 -7.27
N THR A 100 6.63 -4.19 -7.09
CA THR A 100 5.20 -3.97 -6.89
C THR A 100 4.90 -2.60 -7.47
N GLY A 101 3.64 -2.21 -7.42
CA GLY A 101 3.28 -0.89 -7.90
C GLY A 101 3.12 -0.61 -9.38
N LEU A 102 3.43 0.64 -9.74
CA LEU A 102 3.30 1.17 -11.08
C LEU A 102 3.67 0.21 -12.21
N LEU A 103 2.71 -0.05 -13.08
CA LEU A 103 2.90 -0.94 -14.22
C LEU A 103 4.00 -0.44 -15.16
N ALA A 104 4.01 0.86 -15.42
CA ALA A 104 5.01 1.45 -16.31
C ALA A 104 6.43 1.10 -15.85
N ALA A 105 6.65 1.14 -14.54
CA ALA A 105 7.97 0.83 -14.01
C ALA A 105 8.21 -0.68 -14.01
N ALA A 106 7.20 -1.44 -13.59
CA ALA A 106 7.32 -2.89 -13.52
C ALA A 106 7.71 -3.54 -14.85
N ILE A 107 7.14 -3.08 -15.96
CA ILE A 107 7.48 -3.67 -17.24
C ILE A 107 8.93 -3.41 -17.61
N GLY A 108 9.48 -2.31 -17.12
CA GLY A 108 10.88 -2.01 -17.39
C GLY A 108 11.74 -2.93 -16.56
N VAL A 109 11.36 -3.11 -15.30
CA VAL A 109 12.11 -3.99 -14.41
C VAL A 109 12.14 -5.41 -14.95
N ARG A 110 11.00 -5.92 -15.38
CA ARG A 110 10.97 -7.29 -15.90
C ARG A 110 11.82 -7.45 -17.15
N SER A 111 11.80 -6.44 -18.02
CA SER A 111 12.60 -6.49 -19.25
C SER A 111 14.08 -6.61 -18.92
N VAL A 112 14.53 -5.89 -17.89
CA VAL A 112 15.94 -5.97 -17.51
C VAL A 112 16.23 -7.34 -16.91
N ALA A 113 15.28 -7.87 -16.13
CA ALA A 113 15.46 -9.18 -15.53
C ALA A 113 15.59 -10.22 -16.65
N GLU A 114 14.74 -10.08 -17.66
CA GLU A 114 14.73 -10.98 -18.80
C GLU A 114 16.08 -10.96 -19.54
N LYS A 115 16.64 -9.77 -19.71
CA LYS A 115 17.91 -9.62 -20.40
C LYS A 115 19.03 -10.32 -19.62
N LEU A 116 18.92 -10.29 -18.29
CA LEU A 116 19.92 -10.89 -17.42
C LEU A 116 19.65 -12.37 -17.13
N GLY A 117 18.51 -12.86 -17.58
CA GLY A 117 18.18 -14.26 -17.35
C GLY A 117 17.88 -14.62 -15.90
N ILE A 118 17.27 -13.69 -15.16
CA ILE A 118 16.92 -13.98 -13.78
C ILE A 118 15.41 -13.83 -13.61
N PRO A 119 14.79 -14.65 -12.75
CA PRO A 119 13.35 -14.59 -12.52
C PRO A 119 12.84 -13.28 -11.93
N TYR A 120 11.66 -12.89 -12.40
CA TYR A 120 10.99 -11.66 -11.97
C TYR A 120 9.67 -12.01 -11.30
N PHE A 121 9.36 -11.31 -10.20
CA PHE A 121 8.13 -11.56 -9.47
C PHE A 121 7.40 -10.24 -9.21
N TYR A 122 6.08 -10.26 -9.26
CA TYR A 122 5.29 -9.06 -9.02
C TYR A 122 4.27 -9.33 -7.92
N ALA A 123 4.02 -8.32 -7.09
CA ALA A 123 3.05 -8.47 -6.01
C ALA A 123 2.06 -7.30 -5.98
N PHE A 124 0.80 -7.65 -5.76
CA PHE A 124 -0.31 -6.70 -5.65
C PHE A 124 -0.55 -6.44 -4.18
N HIS A 125 -1.11 -5.28 -3.85
CA HIS A 125 -1.43 -4.94 -2.46
C HIS A 125 -2.93 -5.06 -2.27
N CYS A 126 -3.65 -5.30 -3.37
CA CYS A 126 -5.09 -5.43 -3.35
C CYS A 126 -5.49 -6.49 -4.37
N PRO A 127 -6.28 -7.49 -3.96
CA PRO A 127 -6.69 -8.54 -4.90
C PRO A 127 -7.61 -8.13 -6.04
N SER A 128 -8.33 -7.02 -5.88
CA SER A 128 -9.27 -6.58 -6.92
C SER A 128 -8.56 -6.16 -8.21
N TYR A 129 -7.26 -5.91 -8.13
CA TYR A 129 -6.48 -5.51 -9.29
C TYR A 129 -5.95 -6.69 -10.10
N VAL A 130 -6.10 -7.90 -9.57
CA VAL A 130 -5.63 -9.10 -10.26
C VAL A 130 -6.59 -9.40 -11.40
N PRO A 131 -6.08 -9.44 -12.65
CA PRO A 131 -6.97 -9.72 -13.78
C PRO A 131 -7.75 -11.02 -13.59
N SER A 132 -9.00 -11.04 -14.03
CA SER A 132 -9.84 -12.21 -13.89
C SER A 132 -11.06 -12.17 -14.79
N PRO A 133 -11.54 -13.33 -15.24
CA PRO A 133 -12.71 -13.36 -16.11
C PRO A 133 -13.97 -13.52 -15.26
N TYR A 134 -13.79 -13.54 -13.95
CA TYR A 134 -14.90 -13.73 -13.02
C TYR A 134 -15.41 -12.47 -12.32
N TYR A 135 -14.64 -11.39 -12.39
CA TYR A 135 -15.04 -10.11 -11.79
C TYR A 135 -14.41 -8.97 -12.57
N PRO A 136 -15.14 -7.86 -12.72
CA PRO A 136 -14.64 -6.70 -13.47
C PRO A 136 -13.46 -5.99 -12.82
N PRO A 137 -12.69 -5.24 -13.62
CA PRO A 137 -11.54 -4.51 -13.10
C PRO A 137 -11.97 -3.28 -12.31
N PRO A 138 -11.11 -2.79 -11.41
CA PRO A 138 -11.45 -1.61 -10.60
C PRO A 138 -12.08 -0.51 -11.44
N PRO A 139 -13.32 -0.11 -11.10
CA PRO A 139 -14.04 0.93 -11.82
C PRO A 139 -13.49 2.32 -11.51
N ILE A 149 -18.11 -12.89 -21.48
CA ILE A 149 -17.64 -12.06 -22.58
C ILE A 149 -17.42 -10.62 -22.13
N ASP A 150 -18.38 -10.09 -21.37
CA ASP A 150 -18.31 -8.72 -20.86
C ASP A 150 -17.09 -8.50 -19.98
N ILE A 151 -17.02 -9.23 -18.88
CA ILE A 151 -15.89 -9.09 -17.95
C ILE A 151 -14.54 -9.23 -18.64
N PRO A 152 -14.34 -10.33 -19.40
CA PRO A 152 -13.06 -10.50 -20.08
C PRO A 152 -12.77 -9.30 -20.98
N ALA A 153 -13.78 -8.87 -21.73
CA ALA A 153 -13.64 -7.74 -22.63
C ALA A 153 -13.24 -6.49 -21.85
N GLN A 154 -13.79 -6.33 -20.64
CA GLN A 154 -13.48 -5.18 -19.81
C GLN A 154 -12.00 -5.14 -19.48
N TRP A 155 -11.45 -6.29 -19.09
CA TRP A 155 -10.03 -6.37 -18.75
C TRP A 155 -9.16 -6.17 -19.98
N GLU A 156 -9.57 -6.72 -21.11
CA GLU A 156 -8.80 -6.58 -22.34
C GLU A 156 -8.78 -5.11 -22.74
N ARG A 157 -9.90 -4.42 -22.53
CA ARG A 157 -10.01 -3.01 -22.86
C ARG A 157 -8.93 -2.23 -22.08
N ASN A 158 -8.87 -2.45 -20.77
CA ASN A 158 -7.87 -1.77 -19.96
C ASN A 158 -6.46 -2.17 -20.37
N ASN A 159 -6.30 -3.44 -20.71
CA ASN A 159 -5.00 -3.96 -21.13
C ASN A 159 -4.58 -3.29 -22.43
N GLN A 160 -5.55 -3.07 -23.32
CA GLN A 160 -5.26 -2.41 -24.59
C GLN A 160 -4.90 -0.96 -24.32
N SER A 161 -5.55 -0.37 -23.32
CA SER A 161 -5.29 1.02 -22.95
C SER A 161 -3.87 1.15 -22.41
N ALA A 162 -3.44 0.15 -21.65
CA ALA A 162 -2.10 0.16 -21.08
C ALA A 162 -1.08 0.06 -22.21
N TYR A 163 -1.39 -0.75 -23.23
CA TYR A 163 -0.47 -0.90 -24.36
C TYR A 163 -0.33 0.42 -25.09
N GLN A 164 -1.46 1.11 -25.30
CA GLN A 164 -1.42 2.39 -25.99
C GLN A 164 -0.55 3.40 -25.26
N ARG A 165 -0.51 3.32 -23.93
CA ARG A 165 0.29 4.24 -23.15
C ARG A 165 1.75 3.79 -22.99
N TYR A 166 1.96 2.49 -22.83
CA TYR A 166 3.31 1.97 -22.58
C TYR A 166 3.96 1.09 -23.64
N GLY A 167 3.14 0.43 -24.45
CA GLY A 167 3.65 -0.48 -25.47
C GLY A 167 4.76 0.04 -26.36
N GLY A 168 4.49 1.13 -27.06
CA GLY A 168 5.49 1.72 -27.95
C GLY A 168 6.81 2.00 -27.27
N LEU A 169 6.73 2.65 -26.10
CA LEU A 169 7.94 2.99 -25.35
C LEU A 169 8.68 1.73 -24.88
N LEU A 170 7.93 0.79 -24.32
CA LEU A 170 8.52 -0.45 -23.82
C LEU A 170 9.27 -1.20 -24.91
N ASN A 171 8.60 -1.43 -26.03
CA ASN A 171 9.22 -2.16 -27.11
C ASN A 171 10.38 -1.42 -27.77
N SER A 172 10.37 -0.09 -27.73
CA SER A 172 11.48 0.65 -28.31
C SER A 172 12.70 0.36 -27.45
N HIS A 173 12.52 0.38 -26.13
CA HIS A 173 13.59 0.09 -25.19
C HIS A 173 14.08 -1.35 -25.36
N ARG A 174 13.12 -2.26 -25.52
CA ARG A 174 13.46 -3.67 -25.69
C ARG A 174 14.25 -3.89 -26.98
N ASP A 175 13.93 -3.12 -28.02
CA ASP A 175 14.66 -3.24 -29.29
C ASP A 175 16.13 -2.94 -29.02
N ALA A 176 16.36 -1.88 -28.25
CA ALA A 176 17.71 -1.44 -27.92
C ALA A 176 18.56 -2.49 -27.20
N ILE A 177 17.93 -3.39 -26.47
CA ILE A 177 18.69 -4.43 -25.77
C ILE A 177 18.46 -5.83 -26.34
N GLY A 178 18.01 -5.88 -27.58
CA GLY A 178 17.78 -7.16 -28.26
C GLY A 178 16.73 -8.11 -27.76
N LEU A 179 15.65 -7.60 -27.18
CA LEU A 179 14.58 -8.45 -26.70
C LEU A 179 13.36 -8.33 -27.60
N PRO A 180 12.61 -9.43 -27.78
CA PRO A 180 11.42 -9.43 -28.63
C PRO A 180 10.34 -8.53 -28.05
N PRO A 181 9.45 -8.02 -28.90
CA PRO A 181 8.37 -7.14 -28.44
C PRO A 181 7.31 -7.80 -27.58
N VAL A 182 6.74 -7.01 -26.67
CA VAL A 182 5.68 -7.47 -25.78
C VAL A 182 4.36 -6.98 -26.34
N GLU A 183 3.35 -7.85 -26.36
CA GLU A 183 2.05 -7.48 -26.89
C GLU A 183 0.97 -7.42 -25.80
N ASP A 184 1.21 -8.11 -24.70
CA ASP A 184 0.26 -8.18 -23.59
C ASP A 184 0.88 -7.56 -22.34
N ILE A 185 0.56 -6.28 -22.08
CA ILE A 185 1.13 -5.57 -20.95
C ILE A 185 0.78 -6.17 -19.58
N PHE A 186 -0.49 -6.49 -19.36
CA PHE A 186 -0.89 -7.05 -18.07
C PHE A 186 -0.18 -8.37 -17.73
N THR A 187 -0.17 -9.30 -18.67
CA THR A 187 0.48 -10.57 -18.40
C THR A 187 1.99 -10.38 -18.18
N PHE A 188 2.60 -9.50 -18.96
CA PHE A 188 4.02 -9.27 -18.83
C PHE A 188 4.37 -8.61 -17.50
N GLY A 189 3.70 -7.51 -17.19
CA GLY A 189 3.99 -6.79 -15.96
C GLY A 189 3.62 -7.50 -14.68
N TYR A 190 2.46 -8.15 -14.66
CA TYR A 190 2.01 -8.85 -13.46
C TYR A 190 2.43 -10.31 -13.38
N THR A 191 2.77 -10.88 -14.54
CA THR A 191 3.12 -12.30 -14.70
C THR A 191 1.81 -13.05 -14.54
N ASP A 192 1.81 -14.35 -14.82
CA ASP A 192 0.59 -15.12 -14.68
C ASP A 192 0.56 -15.84 -13.32
N HIS A 193 1.47 -15.44 -12.44
CA HIS A 193 1.56 -16.02 -11.10
C HIS A 193 1.91 -14.93 -10.09
N PRO A 194 1.17 -13.82 -10.10
CA PRO A 194 1.45 -12.74 -9.15
C PRO A 194 1.13 -13.10 -7.72
N TRP A 195 1.82 -12.46 -6.79
CA TRP A 195 1.54 -12.69 -5.36
C TRP A 195 0.56 -11.61 -4.95
N VAL A 196 -0.23 -11.89 -3.93
CA VAL A 196 -1.16 -10.90 -3.40
C VAL A 196 -0.72 -10.69 -1.97
N ALA A 197 -0.02 -9.59 -1.74
CA ALA A 197 0.51 -9.25 -0.42
C ALA A 197 -0.55 -8.54 0.40
N ALA A 198 -1.60 -9.30 0.73
CA ALA A 198 -2.71 -8.78 1.52
C ALA A 198 -3.22 -9.95 2.34
N ASP A 199 -3.92 -9.66 3.43
CA ASP A 199 -4.44 -10.71 4.31
C ASP A 199 -5.63 -11.44 3.70
N PRO A 200 -5.66 -12.78 3.82
CA PRO A 200 -6.78 -13.55 3.25
C PRO A 200 -8.13 -13.34 3.94
N VAL A 201 -8.13 -12.81 5.16
CA VAL A 201 -9.39 -12.56 5.83
C VAL A 201 -9.87 -11.16 5.46
N LEU A 202 -8.98 -10.19 5.59
CA LEU A 202 -9.33 -8.81 5.28
C LEU A 202 -9.60 -8.57 3.80
N ALA A 203 -8.75 -9.13 2.94
CA ALA A 203 -8.86 -8.92 1.50
C ALA A 203 -8.73 -10.24 0.75
N PRO A 204 -9.76 -11.10 0.81
CA PRO A 204 -9.73 -12.40 0.14
C PRO A 204 -9.58 -12.40 -1.38
N LEU A 205 -8.56 -13.11 -1.86
CA LEU A 205 -8.36 -13.20 -3.30
C LEU A 205 -9.58 -13.90 -3.90
N GLN A 206 -10.14 -13.34 -4.96
CA GLN A 206 -11.31 -13.96 -5.58
C GLN A 206 -10.91 -14.85 -6.75
N PRO A 207 -11.86 -15.66 -7.25
CA PRO A 207 -11.56 -16.57 -8.36
C PRO A 207 -10.94 -15.89 -9.57
N THR A 208 -9.94 -16.55 -10.14
CA THR A 208 -9.25 -16.04 -11.32
C THR A 208 -8.60 -17.22 -12.04
N ASP A 209 -8.24 -17.02 -13.31
CA ASP A 209 -7.61 -18.07 -14.07
C ASP A 209 -6.09 -17.99 -13.96
N LEU A 210 -5.60 -16.96 -13.25
CA LEU A 210 -4.17 -16.80 -13.06
C LEU A 210 -3.73 -17.59 -11.84
N ASP A 211 -2.46 -17.96 -11.79
CA ASP A 211 -1.92 -18.71 -10.65
C ASP A 211 -1.50 -17.74 -9.54
N ALA A 212 -2.42 -16.91 -9.09
CA ALA A 212 -2.14 -15.95 -8.03
C ALA A 212 -2.02 -16.66 -6.69
N VAL A 213 -1.10 -16.17 -5.86
CA VAL A 213 -0.85 -16.73 -4.53
C VAL A 213 -1.03 -15.63 -3.49
N GLN A 214 -1.85 -15.88 -2.47
CA GLN A 214 -2.07 -14.87 -1.42
C GLN A 214 -1.23 -15.20 -0.18
N THR A 215 -0.29 -14.33 0.12
CA THR A 215 0.65 -14.52 1.21
C THR A 215 0.32 -13.89 2.55
N GLY A 216 -0.45 -12.81 2.51
CA GLY A 216 -0.76 -12.07 3.72
C GLY A 216 0.03 -10.78 3.50
N ALA A 217 -0.30 -9.72 4.23
CA ALA A 217 0.41 -8.46 4.05
C ALA A 217 1.88 -8.55 4.49
N TRP A 218 2.73 -7.72 3.89
CA TRP A 218 4.16 -7.70 4.23
C TRP A 218 4.37 -6.53 5.18
N ILE A 219 4.40 -6.81 6.48
CA ILE A 219 4.56 -5.77 7.48
C ILE A 219 5.43 -6.28 8.62
N LEU A 220 6.43 -5.51 9.02
CA LEU A 220 7.31 -5.90 10.11
C LEU A 220 6.77 -5.35 11.42
N PRO A 221 6.99 -6.08 12.53
CA PRO A 221 6.49 -5.59 13.82
C PRO A 221 7.21 -4.31 14.22
N ASP A 222 6.48 -3.37 14.78
CA ASP A 222 7.05 -2.09 15.21
C ASP A 222 7.18 -2.16 16.74
N GLU A 223 8.40 -2.02 17.23
CA GLU A 223 8.66 -2.10 18.66
C GLU A 223 8.80 -0.75 19.37
N ARG A 224 8.90 0.32 18.60
CA ARG A 224 9.04 1.65 19.18
C ARG A 224 7.93 1.94 20.18
N PRO A 225 8.28 2.46 21.36
CA PRO A 225 7.25 2.76 22.36
C PRO A 225 6.62 4.10 22.00
N LEU A 226 5.46 4.39 22.57
CA LEU A 226 4.82 5.67 22.31
C LEU A 226 5.56 6.73 23.12
N SER A 227 5.57 7.96 22.64
CA SER A 227 6.24 9.04 23.36
C SER A 227 5.58 9.24 24.72
N PRO A 228 6.34 9.71 25.71
CA PRO A 228 5.76 9.93 27.04
C PRO A 228 4.59 10.89 27.00
N GLU A 229 4.65 11.87 26.11
CA GLU A 229 3.58 12.87 25.99
C GLU A 229 2.34 12.25 25.38
N LEU A 230 2.51 11.45 24.34
CA LEU A 230 1.36 10.80 23.72
C LEU A 230 0.71 9.85 24.71
N ALA A 231 1.54 9.08 25.41
CA ALA A 231 1.05 8.13 26.40
C ALA A 231 0.25 8.86 27.48
N ALA A 232 0.77 10.01 27.92
CA ALA A 232 0.09 10.79 28.94
C ALA A 232 -1.25 11.30 28.44
N PHE A 233 -1.31 11.75 27.17
CA PHE A 233 -2.55 12.24 26.61
C PHE A 233 -3.58 11.11 26.58
N LEU A 234 -3.14 9.93 26.14
CA LEU A 234 -4.03 8.78 26.09
C LEU A 234 -4.58 8.43 27.47
N ASP A 235 -3.74 8.46 28.49
CA ASP A 235 -4.19 8.11 29.84
C ASP A 235 -5.00 9.21 30.53
N ALA A 236 -5.06 10.39 29.93
CA ALA A 236 -5.79 11.52 30.51
C ALA A 236 -7.29 11.51 30.25
N GLY A 237 -7.78 10.50 29.54
CA GLY A 237 -9.20 10.44 29.27
C GLY A 237 -9.61 9.18 28.52
N PRO A 238 -10.85 9.11 28.02
CA PRO A 238 -11.30 7.91 27.29
C PRO A 238 -10.52 7.77 25.97
N PRO A 239 -10.47 6.56 25.42
CA PRO A 239 -9.76 6.34 24.15
C PRO A 239 -10.23 7.36 23.12
N PRO A 240 -9.29 8.10 22.50
CA PRO A 240 -9.65 9.09 21.50
C PRO A 240 -9.84 8.48 20.11
N VAL A 241 -10.27 9.30 19.17
CA VAL A 241 -10.43 8.84 17.79
C VAL A 241 -9.22 9.36 17.01
N TYR A 242 -8.60 8.48 16.22
CA TYR A 242 -7.44 8.86 15.41
C TYR A 242 -7.94 9.32 14.05
N LEU A 243 -7.48 10.49 13.64
CA LEU A 243 -7.88 11.08 12.37
C LEU A 243 -6.62 11.12 11.50
N GLY A 244 -6.58 10.29 10.47
CA GLY A 244 -5.40 10.25 9.64
C GLY A 244 -5.59 10.60 8.18
N PHE A 245 -5.52 11.89 7.86
CA PHE A 245 -5.66 12.36 6.50
C PHE A 245 -4.34 13.01 6.06
N GLY A 249 -3.35 13.60 1.64
CA GLY A 249 -3.71 14.88 2.23
C GLY A 249 -5.19 15.15 2.20
N ALA A 250 -5.59 16.27 2.78
CA ALA A 250 -6.99 16.66 2.83
C ALA A 250 -7.09 18.16 3.12
N PRO A 251 -8.26 18.75 2.82
CA PRO A 251 -8.45 20.18 3.06
C PRO A 251 -8.67 20.44 4.55
N ALA A 252 -8.14 21.55 5.04
CA ALA A 252 -8.28 21.90 6.45
C ALA A 252 -9.73 21.88 6.92
N ASP A 253 -10.63 22.37 6.08
CA ASP A 253 -12.04 22.40 6.46
C ASP A 253 -12.61 20.99 6.67
N ALA A 254 -12.10 20.02 5.92
CA ALA A 254 -12.57 18.65 6.07
C ALA A 254 -12.13 18.11 7.42
N VAL A 255 -10.91 18.47 7.82
CA VAL A 255 -10.40 18.01 9.11
C VAL A 255 -11.17 18.68 10.24
N ARG A 256 -11.47 19.96 10.10
CA ARG A 256 -12.22 20.68 11.12
C ARG A 256 -13.62 20.07 11.29
N VAL A 257 -14.24 19.67 10.18
CA VAL A 257 -15.57 19.05 10.25
C VAL A 257 -15.46 17.72 10.99
N ALA A 258 -14.42 16.95 10.67
CA ALA A 258 -14.22 15.66 11.31
C ALA A 258 -14.03 15.83 12.81
N ILE A 259 -13.27 16.84 13.21
CA ILE A 259 -13.04 17.10 14.63
C ILE A 259 -14.39 17.45 15.28
N ASP A 260 -15.19 18.26 14.61
CA ASP A 260 -16.50 18.63 15.14
C ASP A 260 -17.35 17.38 15.41
N ALA A 261 -17.35 16.46 14.47
CA ALA A 261 -18.12 15.22 14.60
C ALA A 261 -17.60 14.33 15.72
N ILE A 262 -16.27 14.21 15.83
CA ILE A 262 -15.70 13.38 16.87
C ILE A 262 -16.06 13.95 18.25
N ARG A 263 -15.98 15.27 18.37
CA ARG A 263 -16.31 15.95 19.62
C ARG A 263 -17.79 15.76 19.97
N ALA A 264 -18.64 15.73 18.95
CA ALA A 264 -20.08 15.56 19.15
C ALA A 264 -20.36 14.19 19.77
N HIS A 265 -19.39 13.28 19.65
CA HIS A 265 -19.52 11.95 20.22
C HIS A 265 -18.74 11.83 21.53
N GLY A 266 -18.34 12.97 22.06
CA GLY A 266 -17.62 13.00 23.32
C GLY A 266 -16.25 12.38 23.36
N ARG A 267 -15.59 12.35 22.20
CA ARG A 267 -14.25 11.77 22.11
C ARG A 267 -13.21 12.82 21.80
N ARG A 268 -11.98 12.56 22.23
CA ARG A 268 -10.87 13.46 21.97
C ARG A 268 -10.30 13.02 20.63
N VAL A 269 -9.35 13.78 20.10
CA VAL A 269 -8.79 13.49 18.79
C VAL A 269 -7.27 13.40 18.76
N ILE A 270 -6.76 12.45 17.97
CA ILE A 270 -5.33 12.33 17.75
C ILE A 270 -5.22 12.64 16.27
N LEU A 271 -4.44 13.66 15.93
CA LEU A 271 -4.28 14.04 14.53
C LEU A 271 -2.96 13.50 14.01
N SER A 272 -3.02 12.90 12.83
CA SER A 272 -1.84 12.33 12.20
C SER A 272 -0.81 13.42 11.97
N ARG A 273 0.39 13.02 11.57
CA ARG A 273 1.46 13.99 11.32
C ARG A 273 1.09 15.00 10.24
N GLY A 274 1.45 16.26 10.48
CA GLY A 274 1.16 17.30 9.52
C GLY A 274 0.07 18.28 9.87
N TRP A 275 -0.72 17.97 10.89
CA TRP A 275 -1.80 18.88 11.28
C TRP A 275 -1.53 19.65 12.57
N ALA A 276 -0.29 19.64 13.03
CA ALA A 276 0.07 20.34 14.26
C ALA A 276 -0.37 21.80 14.29
N ASP A 277 -0.43 22.45 13.13
CA ASP A 277 -0.83 23.86 13.06
C ASP A 277 -2.21 24.13 12.51
N LEU A 278 -3.10 23.15 12.61
CA LEU A 278 -4.47 23.33 12.13
C LEU A 278 -5.23 24.27 13.05
N VAL A 279 -5.87 25.28 12.48
CA VAL A 279 -6.65 26.23 13.29
C VAL A 279 -7.96 25.57 13.67
N LEU A 280 -8.31 25.60 14.95
CA LEU A 280 -9.53 24.98 15.43
C LEU A 280 -10.55 25.97 15.96
N PRO A 281 -11.85 25.61 15.90
CA PRO A 281 -12.93 26.47 16.39
C PRO A 281 -12.84 26.56 17.91
N ASP A 282 -13.46 25.61 18.59
CA ASP A 282 -13.44 25.57 20.05
C ASP A 282 -12.05 25.13 20.49
N ASP A 283 -11.73 25.38 21.77
CA ASP A 283 -10.43 25.01 22.34
C ASP A 283 -9.90 23.70 21.78
N GLY A 284 -8.65 23.72 21.32
CA GLY A 284 -8.03 22.53 20.77
C GLY A 284 -7.24 21.71 21.77
N ALA A 285 -7.59 21.84 23.04
CA ALA A 285 -6.90 21.09 24.10
C ALA A 285 -7.28 19.62 24.06
N ASP A 286 -8.35 19.28 23.34
CA ASP A 286 -8.77 17.89 23.26
C ASP A 286 -8.26 17.24 21.98
N CYS A 287 -7.33 17.92 21.31
CA CYS A 287 -6.73 17.42 20.08
C CYS A 287 -5.22 17.33 20.29
N PHE A 288 -4.65 16.18 19.98
CA PHE A 288 -3.21 15.99 20.13
C PHE A 288 -2.65 15.62 18.75
N ALA A 289 -1.71 16.42 18.26
CA ALA A 289 -1.08 16.18 16.97
C ALA A 289 0.24 15.47 17.19
N ILE A 290 0.42 14.35 16.51
CA ILE A 290 1.63 13.56 16.67
C ILE A 290 2.62 13.71 15.52
N GLY A 291 3.84 13.23 15.74
CA GLY A 291 4.86 13.27 14.72
C GLY A 291 5.08 11.84 14.28
N GLU A 292 6.30 11.35 14.45
CA GLU A 292 6.61 9.97 14.10
C GLU A 292 5.96 9.14 15.19
N VAL A 293 5.24 8.07 14.82
CA VAL A 293 4.60 7.26 15.84
C VAL A 293 4.43 5.81 15.44
N ASN A 294 4.39 4.94 16.44
CA ASN A 294 4.18 3.51 16.22
C ASN A 294 2.69 3.31 16.06
N HIS A 295 2.20 3.26 14.83
CA HIS A 295 0.77 3.09 14.59
C HIS A 295 0.24 1.74 15.06
N GLN A 296 1.08 0.72 14.99
CA GLN A 296 0.66 -0.62 15.41
C GLN A 296 0.23 -0.60 16.87
N VAL A 297 0.97 0.14 17.69
CA VAL A 297 0.64 0.24 19.10
C VAL A 297 -0.46 1.29 19.34
N LEU A 298 -0.30 2.47 18.75
CA LEU A 298 -1.29 3.52 18.91
C LEU A 298 -2.69 3.08 18.53
N PHE A 299 -2.81 2.33 17.43
CA PHE A 299 -4.13 1.88 16.99
C PHE A 299 -4.83 0.94 17.95
N GLY A 300 -4.07 0.36 18.87
CA GLY A 300 -4.69 -0.52 19.84
C GLY A 300 -5.18 0.25 21.04
N ARG A 301 -4.99 1.57 21.02
CA ARG A 301 -5.39 2.41 22.14
C ARG A 301 -6.38 3.51 21.80
N VAL A 302 -6.93 3.46 20.59
CA VAL A 302 -7.91 4.45 20.17
C VAL A 302 -9.30 3.85 20.03
N ALA A 303 -10.34 4.69 20.07
CA ALA A 303 -11.72 4.20 19.95
C ALA A 303 -12.03 3.84 18.50
N ALA A 304 -11.35 4.49 17.57
CA ALA A 304 -11.55 4.24 16.15
C ALA A 304 -10.47 4.96 15.35
N VAL A 305 -10.33 4.57 14.09
CA VAL A 305 -9.37 5.20 13.19
C VAL A 305 -10.14 5.68 11.97
N ILE A 306 -9.93 6.94 11.59
CA ILE A 306 -10.59 7.48 10.42
C ILE A 306 -9.48 7.79 9.43
N HIS A 307 -9.57 7.20 8.23
CA HIS A 307 -8.54 7.42 7.23
C HIS A 307 -9.07 7.20 5.82
N HIS A 308 -8.20 7.28 4.82
CA HIS A 308 -8.63 7.15 3.43
C HIS A 308 -8.78 5.74 2.89
N GLY A 309 -8.32 4.75 3.65
CA GLY A 309 -8.48 3.37 3.21
C GLY A 309 -7.35 2.73 2.44
N GLY A 310 -6.13 3.21 2.61
CA GLY A 310 -5.00 2.61 1.93
C GLY A 310 -4.79 1.21 2.48
N ALA A 311 -4.21 0.33 1.67
CA ALA A 311 -4.01 -1.04 2.10
C ALA A 311 -3.23 -1.19 3.41
N GLY A 312 -2.14 -0.45 3.52
CA GLY A 312 -1.32 -0.53 4.72
C GLY A 312 -2.05 -0.13 5.99
N THR A 313 -2.60 1.08 6.01
CA THR A 313 -3.30 1.54 7.20
C THR A 313 -4.47 0.64 7.57
N THR A 314 -5.23 0.18 6.57
CA THR A 314 -6.36 -0.69 6.86
C THR A 314 -5.88 -1.99 7.52
N HIS A 315 -4.77 -2.53 7.03
CA HIS A 315 -4.22 -3.76 7.61
C HIS A 315 -3.72 -3.56 9.03
N VAL A 316 -3.00 -2.46 9.26
CA VAL A 316 -2.46 -2.18 10.59
C VAL A 316 -3.58 -1.97 11.59
N ALA A 317 -4.60 -1.21 11.21
CA ALA A 317 -5.74 -0.96 12.08
C ALA A 317 -6.53 -2.25 12.31
N ALA A 318 -6.65 -3.09 11.29
CA ALA A 318 -7.39 -4.34 11.46
C ALA A 318 -6.69 -5.28 12.44
N ARG A 319 -5.38 -5.43 12.31
CA ARG A 319 -4.63 -6.31 13.21
C ARG A 319 -4.64 -5.74 14.65
N ALA A 320 -4.70 -4.41 14.77
CA ALA A 320 -4.71 -3.78 16.08
C ALA A 320 -6.09 -3.85 16.74
N GLY A 321 -7.10 -4.24 15.96
CA GLY A 321 -8.45 -4.36 16.50
C GLY A 321 -9.19 -3.03 16.65
N ALA A 322 -8.83 -2.05 15.83
CA ALA A 322 -9.47 -0.75 15.92
C ALA A 322 -10.63 -0.57 14.94
N PRO A 323 -11.79 -0.12 15.42
CA PRO A 323 -12.92 0.11 14.53
C PRO A 323 -12.46 1.15 13.51
N GLN A 324 -12.91 1.02 12.25
CA GLN A 324 -12.46 1.93 11.21
C GLN A 324 -13.55 2.66 10.44
N ILE A 325 -13.23 3.87 10.00
CA ILE A 325 -14.13 4.65 9.17
C ILE A 325 -13.25 5.06 7.99
N LEU A 326 -13.60 4.58 6.80
CA LEU A 326 -12.82 4.88 5.60
C LEU A 326 -13.53 5.82 4.63
N LEU A 327 -12.81 6.85 4.19
CA LEU A 327 -13.31 7.82 3.22
C LEU A 327 -12.40 7.64 2.01
N PRO A 328 -12.71 6.65 1.16
CA PRO A 328 -11.90 6.35 -0.04
C PRO A 328 -11.78 7.47 -1.05
N GLN A 329 -10.57 7.63 -1.59
CA GLN A 329 -10.27 8.67 -2.57
C GLN A 329 -9.85 8.11 -3.92
N MET A 330 -9.00 7.11 -3.89
CA MET A 330 -8.47 6.57 -5.13
C MET A 330 -7.98 5.13 -5.03
N ALA A 331 -7.58 4.61 -6.17
CA ALA A 331 -7.02 3.26 -6.29
C ALA A 331 -7.78 2.15 -5.58
N ASP A 332 -7.10 1.47 -4.65
CA ASP A 332 -7.70 0.37 -3.93
C ASP A 332 -8.44 0.78 -2.66
N GLN A 333 -8.52 2.09 -2.39
CA GLN A 333 -9.21 2.53 -1.19
C GLN A 333 -10.69 2.14 -1.19
N PRO A 334 -11.40 2.30 -2.32
CA PRO A 334 -12.81 1.92 -2.29
C PRO A 334 -12.96 0.43 -1.93
N TYR A 335 -12.02 -0.38 -2.41
CA TYR A 335 -12.06 -1.81 -2.10
C TYR A 335 -11.97 -2.05 -0.59
N TYR A 336 -10.98 -1.45 0.07
CA TYR A 336 -10.82 -1.64 1.50
C TYR A 336 -11.98 -1.07 2.30
N ALA A 337 -12.56 0.03 1.81
CA ALA A 337 -13.70 0.62 2.49
C ALA A 337 -14.84 -0.41 2.47
N GLY A 338 -15.02 -1.06 1.32
CA GLY A 338 -16.06 -2.06 1.23
C GLY A 338 -15.81 -3.26 2.12
N ARG A 339 -14.55 -3.67 2.24
CA ARG A 339 -14.21 -4.82 3.07
C ARG A 339 -14.44 -4.53 4.55
N VAL A 340 -14.12 -3.32 4.97
CA VAL A 340 -14.32 -2.95 6.37
C VAL A 340 -15.82 -3.03 6.72
N ALA A 341 -16.67 -2.58 5.82
CA ALA A 341 -18.11 -2.63 6.06
C ALA A 341 -18.59 -4.08 6.06
N GLU A 342 -18.14 -4.86 5.08
CA GLU A 342 -18.56 -6.25 4.99
C GLU A 342 -18.16 -7.08 6.21
N LEU A 343 -16.98 -6.80 6.76
CA LEU A 343 -16.50 -7.53 7.93
C LEU A 343 -17.14 -7.04 9.22
N GLY A 344 -17.79 -5.88 9.15
CA GLY A 344 -18.44 -5.34 10.32
C GLY A 344 -17.47 -4.71 11.31
N VAL A 345 -16.25 -4.41 10.84
CA VAL A 345 -15.26 -3.81 11.71
C VAL A 345 -15.19 -2.30 11.51
N GLY A 346 -16.08 -1.77 10.68
CA GLY A 346 -16.06 -0.35 10.45
C GLY A 346 -17.12 0.14 9.49
N VAL A 347 -16.95 1.37 9.04
CA VAL A 347 -17.90 1.99 8.14
C VAL A 347 -17.26 2.49 6.85
N ALA A 348 -17.95 2.24 5.74
CA ALA A 348 -17.47 2.70 4.45
C ALA A 348 -18.21 4.03 4.22
N HIS A 349 -17.54 5.13 4.51
CA HIS A 349 -18.14 6.45 4.34
C HIS A 349 -18.43 6.68 2.86
N ASP A 350 -19.61 7.22 2.57
CA ASP A 350 -19.97 7.47 1.18
C ASP A 350 -18.95 8.37 0.49
N GLY A 351 -19.15 9.68 0.56
CA GLY A 351 -18.23 10.60 -0.09
C GLY A 351 -16.78 10.56 0.34
N PRO A 352 -15.89 11.19 -0.44
CA PRO A 352 -14.45 11.24 -0.15
C PRO A 352 -14.15 12.36 0.85
N ILE A 353 -15.13 13.22 1.03
CA ILE A 353 -15.02 14.36 1.94
C ILE A 353 -16.18 14.23 2.93
N PRO A 354 -15.91 14.44 4.23
CA PRO A 354 -17.00 14.31 5.20
C PRO A 354 -17.76 15.60 5.46
N THR A 355 -18.97 15.43 5.98
CA THR A 355 -19.81 16.56 6.38
C THR A 355 -20.06 16.18 7.83
N PHE A 356 -20.53 17.12 8.64
CA PHE A 356 -20.79 16.79 10.04
C PHE A 356 -21.75 15.63 10.17
N ASP A 357 -22.84 15.67 9.41
CA ASP A 357 -23.83 14.60 9.48
C ASP A 357 -23.33 13.24 9.01
N SER A 358 -22.59 13.22 7.91
CA SER A 358 -22.11 11.94 7.38
C SER A 358 -21.07 11.29 8.30
N LEU A 359 -20.16 12.07 8.84
CA LEU A 359 -19.15 11.49 9.73
C LEU A 359 -19.77 11.17 11.09
N SER A 360 -20.72 11.98 11.53
CA SER A 360 -21.35 11.70 12.81
C SER A 360 -22.10 10.37 12.70
N ALA A 361 -22.71 10.13 11.53
CA ALA A 361 -23.45 8.90 11.28
C ALA A 361 -22.49 7.72 11.33
N ALA A 362 -21.33 7.90 10.70
CA ALA A 362 -20.31 6.85 10.66
C ALA A 362 -19.81 6.54 12.06
N LEU A 363 -19.56 7.59 12.85
CA LEU A 363 -19.08 7.41 14.22
C LEU A 363 -20.09 6.69 15.11
N ALA A 364 -21.37 6.97 14.91
CA ALA A 364 -22.41 6.34 15.71
C ALA A 364 -22.33 4.81 15.56
N THR A 365 -22.02 4.37 14.35
CA THR A 365 -21.91 2.94 14.06
C THR A 365 -20.55 2.40 14.51
N ALA A 366 -19.48 3.10 14.16
CA ALA A 366 -18.13 2.67 14.49
C ALA A 366 -17.80 2.62 15.98
N LEU A 367 -18.44 3.47 16.77
CA LEU A 367 -18.15 3.50 18.21
C LEU A 367 -18.98 2.58 19.11
N THR A 368 -19.86 1.78 18.52
CA THR A 368 -20.69 0.87 19.32
C THR A 368 -19.88 -0.27 19.92
N PRO A 369 -20.35 -0.83 21.04
CA PRO A 369 -19.64 -1.95 21.66
C PRO A 369 -19.60 -3.14 20.71
N GLU A 370 -20.65 -3.26 19.88
CA GLU A 370 -20.74 -4.35 18.92
C GLU A 370 -19.62 -4.27 17.89
N THR A 371 -19.43 -3.09 17.32
CA THR A 371 -18.39 -2.90 16.33
C THR A 371 -17.02 -3.16 16.95
N HIS A 372 -16.83 -2.70 18.19
CA HIS A 372 -15.56 -2.91 18.85
C HIS A 372 -15.29 -4.39 19.09
N ALA A 373 -16.32 -5.13 19.50
CA ALA A 373 -16.16 -6.55 19.76
C ALA A 373 -15.79 -7.26 18.45
N ARG A 374 -16.45 -6.87 17.37
CA ARG A 374 -16.20 -7.46 16.06
C ARG A 374 -14.78 -7.15 15.60
N ALA A 375 -14.37 -5.90 15.71
CA ALA A 375 -13.02 -5.50 15.30
C ALA A 375 -11.97 -6.25 16.13
N THR A 376 -12.28 -6.47 17.41
CA THR A 376 -11.36 -7.18 18.28
C THR A 376 -11.23 -8.65 17.89
N ALA A 377 -12.36 -9.28 17.57
CA ALA A 377 -12.35 -10.68 17.18
C ALA A 377 -11.62 -10.88 15.86
N VAL A 378 -11.98 -10.08 14.86
CA VAL A 378 -11.34 -10.17 13.55
C VAL A 378 -9.83 -9.98 13.64
N ALA A 379 -9.39 -9.05 14.49
CA ALA A 379 -7.97 -8.75 14.64
C ALA A 379 -7.13 -9.99 14.93
N GLY A 380 -7.64 -10.89 15.76
CA GLY A 380 -6.91 -12.08 16.09
C GLY A 380 -6.68 -13.02 14.91
N THR A 381 -7.49 -12.89 13.87
CA THR A 381 -7.38 -13.77 12.70
C THR A 381 -6.54 -13.19 11.56
N ILE A 382 -6.15 -11.93 11.67
CA ILE A 382 -5.31 -11.29 10.64
C ILE A 382 -3.89 -11.86 10.83
N ARG A 383 -3.32 -12.43 9.79
CA ARG A 383 -1.97 -12.99 9.92
C ARG A 383 -0.90 -11.91 9.81
N THR A 384 0.25 -12.15 10.43
CA THR A 384 1.34 -11.17 10.41
C THR A 384 2.63 -11.72 9.82
N ASP A 385 2.59 -12.94 9.32
CA ASP A 385 3.78 -13.57 8.76
C ASP A 385 3.83 -13.57 7.24
N GLY A 386 3.04 -12.72 6.60
CA GLY A 386 2.99 -12.67 5.15
C GLY A 386 4.32 -12.47 4.45
N ALA A 387 5.16 -11.58 4.99
CA ALA A 387 6.45 -11.32 4.37
C ALA A 387 7.33 -12.58 4.43
N ALA A 388 7.23 -13.31 5.55
CA ALA A 388 8.01 -14.54 5.72
C ALA A 388 7.48 -15.60 4.75
N VAL A 389 6.16 -15.64 4.58
CA VAL A 389 5.54 -16.59 3.66
C VAL A 389 6.06 -16.32 2.25
N ALA A 390 6.10 -15.04 1.88
CA ALA A 390 6.57 -14.67 0.55
C ALA A 390 8.06 -14.97 0.39
N ALA A 391 8.84 -14.69 1.42
CA ALA A 391 10.27 -14.92 1.39
C ALA A 391 10.57 -16.39 1.10
N ARG A 392 9.82 -17.28 1.73
CA ARG A 392 10.02 -18.72 1.52
C ARG A 392 9.65 -19.12 0.10
N LEU A 393 8.52 -18.63 -0.40
CA LEU A 393 8.09 -18.96 -1.75
C LEU A 393 9.11 -18.45 -2.76
N LEU A 394 9.71 -17.31 -2.48
CA LEU A 394 10.70 -16.71 -3.36
C LEU A 394 11.95 -17.57 -3.45
N LEU A 395 12.53 -17.91 -2.30
CA LEU A 395 13.73 -18.73 -2.27
C LEU A 395 13.51 -20.09 -2.90
N ASP A 396 12.35 -20.69 -2.66
CA ASP A 396 12.07 -21.99 -3.27
C ASP A 396 12.01 -21.85 -4.78
N ALA A 397 11.43 -20.75 -5.26
CA ALA A 397 11.33 -20.50 -6.69
C ALA A 397 12.71 -20.30 -7.29
N VAL A 398 13.56 -19.54 -6.61
CA VAL A 398 14.90 -19.28 -7.08
C VAL A 398 15.73 -20.55 -7.10
N SER A 399 15.42 -21.47 -6.19
CA SER A 399 16.14 -22.73 -6.12
C SER A 399 15.76 -23.64 -7.28
N ARG A 400 14.67 -23.32 -7.96
CA ARG A 400 14.23 -24.11 -9.10
C ARG A 400 14.90 -23.69 -10.40
N GLU A 401 15.63 -22.58 -10.36
CA GLU A 401 16.32 -22.09 -11.54
C GLU A 401 17.50 -23.01 -11.89
#